data_5EAY
#
_entry.id   5EAY
#
_cell.length_a   134.303
_cell.length_b   50.882
_cell.length_c   76.528
_cell.angle_alpha   90.000
_cell.angle_beta   103.940
_cell.angle_gamma   90.000
#
_symmetry.space_group_name_H-M   'C 1 2 1'
#
loop_
_entity.id
_entity.type
_entity.pdbx_description
1 polymer 'Replication protein A 70 kDa DNA-binding subunit'
2 polymer 'DNA replication ATP-dependent helicase/nuclease DNA2'
#
loop_
_entity_poly.entity_id
_entity_poly.type
_entity_poly.pdbx_seq_one_letter_code
_entity_poly.pdbx_strand_id
1 'polypeptide(L)'
;GQLSEGAIAAIMQKGDTNIKPILQVINIRPITTGNSPPRYRLLMSDGLNTLSSFMLATQLNPLVEEEQLSSNCVCQIHRF
IVNTLKDGRRVVILMELEVLKSAEAVGVKIGNPVPYNE
;
A,B,C,D
2 'polypeptide(L)' NELELLMEKSFWE E,F,G,H
#
# COMPACT_ATOMS: atom_id res chain seq x y z
N GLY A 1 2.52 -27.83 3.81
CA GLY A 1 2.85 -26.93 4.95
C GLY A 1 3.01 -25.46 4.57
N GLN A 2 2.26 -25.01 3.57
CA GLN A 2 2.41 -23.67 3.00
C GLN A 2 1.48 -22.62 3.61
N LEU A 3 0.39 -23.07 4.23
CA LEU A 3 -0.68 -22.17 4.64
C LEU A 3 -0.90 -22.20 6.14
N SER A 4 -1.39 -21.09 6.65
CA SER A 4 -1.62 -20.94 8.08
C SER A 4 -2.91 -21.64 8.51
N GLU A 5 -2.84 -22.96 8.55
CA GLU A 5 -4.00 -23.76 8.90
C GLU A 5 -4.57 -23.35 10.25
N GLY A 6 -5.84 -22.94 10.26
CA GLY A 6 -6.51 -22.60 11.51
C GLY A 6 -6.63 -21.11 11.73
N ALA A 7 -5.97 -20.31 10.87
CA ALA A 7 -6.01 -18.84 11.02
C ALA A 7 -7.39 -18.26 10.82
N ILE A 8 -8.17 -18.84 9.91
CA ILE A 8 -9.53 -18.35 9.69
C ILE A 8 -10.41 -18.53 10.92
N ALA A 9 -10.44 -19.72 11.50
CA ALA A 9 -11.18 -19.95 12.73
C ALA A 9 -10.68 -19.01 13.84
N ALA A 10 -9.37 -18.80 13.91
CA ALA A 10 -8.78 -17.97 14.97
C ALA A 10 -9.25 -16.52 14.85
N ILE A 11 -9.31 -16.00 13.63
CA ILE A 11 -9.77 -14.62 13.40
C ILE A 11 -11.26 -14.52 13.72
N MET A 12 -12.06 -15.48 13.23
CA MET A 12 -13.50 -15.42 13.41
C MET A 12 -13.89 -15.50 14.87
N GLN A 13 -13.17 -16.33 15.64
CA GLN A 13 -13.48 -16.51 17.06
C GLN A 13 -12.84 -15.43 17.95
N LYS A 14 -11.52 -15.30 17.89
CA LYS A 14 -10.81 -14.39 18.80
C LYS A 14 -10.93 -12.93 18.37
N GLY A 15 -10.94 -12.69 17.06
CA GLY A 15 -10.96 -11.34 16.52
C GLY A 15 -9.62 -10.61 16.61
N ASP A 16 -8.56 -11.33 17.02
CA ASP A 16 -7.24 -10.71 17.17
C ASP A 16 -6.61 -10.44 15.81
N THR A 17 -5.85 -9.35 15.70
CA THR A 17 -5.28 -8.94 14.42
C THR A 17 -3.75 -9.01 14.44
N ASN A 18 -3.19 -9.61 15.48
CA ASN A 18 -1.74 -9.66 15.65
C ASN A 18 -1.11 -10.94 15.10
N ILE A 19 -1.57 -11.32 13.92
CA ILE A 19 -1.02 -12.45 13.20
C ILE A 19 -0.86 -12.02 11.74
N LYS A 20 -0.01 -12.71 11.00
CA LYS A 20 0.23 -12.38 9.59
C LYS A 20 0.08 -13.64 8.76
N PRO A 21 -1.15 -14.17 8.70
CA PRO A 21 -1.35 -15.49 8.14
C PRO A 21 -1.07 -15.60 6.66
N ILE A 22 -0.64 -16.79 6.24
CA ILE A 22 -0.45 -17.09 4.83
C ILE A 22 -1.66 -17.88 4.33
N LEU A 23 -2.29 -17.33 3.28
CA LEU A 23 -3.57 -17.85 2.79
C LEU A 23 -3.53 -18.04 1.31
N GLN A 24 -4.39 -18.91 0.80
CA GLN A 24 -4.58 -19.05 -0.64
C GLN A 24 -5.87 -18.34 -1.07
N VAL A 25 -5.78 -17.54 -2.11
CA VAL A 25 -6.99 -16.99 -2.76
C VAL A 25 -7.71 -18.07 -3.57
N ILE A 26 -8.98 -18.29 -3.30
CA ILE A 26 -9.79 -19.20 -4.11
C ILE A 26 -10.52 -18.49 -5.23
N ASN A 27 -11.19 -17.39 -4.90
CA ASN A 27 -11.90 -16.63 -5.89
C ASN A 27 -12.01 -15.18 -5.44
N ILE A 28 -12.14 -14.29 -6.41
CA ILE A 28 -12.23 -12.87 -6.17
C ILE A 28 -13.42 -12.38 -6.97
N ARG A 29 -14.33 -11.67 -6.31
CA ARG A 29 -15.49 -11.14 -7.03
C ARG A 29 -15.72 -9.67 -6.71
N PRO A 30 -15.93 -8.85 -7.75
CA PRO A 30 -16.18 -7.44 -7.53
C PRO A 30 -17.61 -7.14 -7.08
N ILE A 31 -17.72 -6.19 -6.17
CA ILE A 31 -18.99 -5.57 -5.84
C ILE A 31 -18.96 -4.16 -6.42
N THR A 32 -19.87 -3.90 -7.36
CA THR A 32 -19.94 -2.63 -8.09
C THR A 32 -21.22 -1.88 -7.73
N SER A 36 -17.38 5.13 -9.43
CA SER A 36 -16.99 4.47 -8.19
C SER A 36 -16.13 3.24 -8.47
N PRO A 37 -14.93 3.16 -7.87
CA PRO A 37 -14.07 1.99 -8.03
C PRO A 37 -14.78 0.72 -7.53
N PRO A 38 -14.44 -0.46 -8.10
CA PRO A 38 -15.07 -1.66 -7.54
C PRO A 38 -14.51 -1.98 -6.16
N ARG A 39 -15.23 -2.76 -5.37
CA ARG A 39 -14.65 -3.26 -4.13
C ARG A 39 -14.57 -4.74 -4.26
N TYR A 40 -13.39 -5.31 -4.00
CA TYR A 40 -13.19 -6.74 -4.24
C TYR A 40 -13.38 -7.58 -2.98
N ARG A 41 -14.23 -8.58 -3.10
CA ARG A 41 -14.47 -9.52 -2.04
C ARG A 41 -13.76 -10.84 -2.35
N LEU A 42 -13.14 -11.45 -1.34
CA LEU A 42 -12.30 -12.62 -1.59
C LEU A 42 -12.80 -13.83 -0.81
N LEU A 43 -12.82 -14.95 -1.50
CA LEU A 43 -13.04 -16.26 -0.90
C LEU A 43 -11.63 -16.80 -0.67
N MET A 44 -11.24 -16.91 0.61
CA MET A 44 -9.88 -17.30 0.99
C MET A 44 -9.85 -18.66 1.67
N SER A 45 -8.70 -19.34 1.57
CA SER A 45 -8.47 -20.63 2.22
C SER A 45 -7.26 -20.54 3.12
N ASP A 46 -7.35 -21.15 4.29
CA ASP A 46 -6.16 -21.37 5.14
C ASP A 46 -5.66 -22.82 5.06
N GLY A 47 -6.21 -23.57 4.09
CA GLY A 47 -5.84 -24.97 3.89
C GLY A 47 -6.80 -25.91 4.62
N LEU A 48 -7.44 -25.41 5.67
CA LEU A 48 -8.40 -26.17 6.47
C LEU A 48 -9.82 -25.70 6.10
N ASN A 49 -10.03 -24.38 6.14
CA ASN A 49 -11.32 -23.79 5.85
C ASN A 49 -11.26 -22.75 4.76
N THR A 50 -12.41 -22.56 4.11
CA THR A 50 -12.64 -21.42 3.22
C THR A 50 -13.71 -20.48 3.77
N LEU A 51 -13.58 -19.20 3.45
CA LEU A 51 -14.53 -18.20 3.88
C LEU A 51 -14.45 -16.97 3.01
N SER A 52 -15.61 -16.36 2.77
CA SER A 52 -15.68 -15.22 1.84
C SER A 52 -15.85 -13.87 2.54
N SER A 53 -15.66 -13.84 3.86
CA SER A 53 -15.79 -12.63 4.67
C SER A 53 -14.51 -11.78 4.65
N PHE A 54 -13.97 -11.57 3.46
CA PHE A 54 -12.75 -10.78 3.26
C PHE A 54 -13.02 -9.70 2.25
N MET A 55 -12.69 -8.46 2.60
CA MET A 55 -12.76 -7.33 1.67
C MET A 55 -11.37 -6.76 1.48
N LEU A 56 -11.02 -6.48 0.23
CA LEU A 56 -9.74 -5.88 -0.06
C LEU A 56 -9.79 -4.35 0.13
N ALA A 57 -8.84 -3.79 0.87
CA ALA A 57 -8.71 -2.34 0.91
C ALA A 57 -8.54 -1.85 -0.52
N THR A 58 -9.17 -0.73 -0.85
CA THR A 58 -9.08 -0.28 -2.25
C THR A 58 -7.66 0.07 -2.72
N GLN A 59 -6.76 0.40 -1.78
CA GLN A 59 -5.35 0.60 -2.11
C GLN A 59 -4.69 -0.60 -2.74
N LEU A 60 -5.27 -1.79 -2.57
CA LEU A 60 -4.67 -3.00 -3.07
C LEU A 60 -5.36 -3.44 -4.36
N ASN A 61 -6.37 -2.66 -4.81
CA ASN A 61 -7.05 -2.98 -6.09
C ASN A 61 -6.09 -3.19 -7.25
N PRO A 62 -4.99 -2.41 -7.32
CA PRO A 62 -4.05 -2.73 -8.38
C PRO A 62 -3.47 -4.14 -8.39
N LEU A 63 -3.35 -4.79 -7.24
CA LEU A 63 -2.86 -6.17 -7.26
C LEU A 63 -3.85 -7.07 -8.00
N VAL A 64 -5.13 -6.76 -7.85
CA VAL A 64 -6.20 -7.55 -8.49
C VAL A 64 -6.26 -7.21 -9.98
N GLU A 65 -6.25 -5.93 -10.26
CA GLU A 65 -6.50 -5.41 -11.60
C GLU A 65 -5.34 -5.74 -12.53
N GLU A 66 -4.13 -5.79 -11.96
CA GLU A 66 -2.92 -6.20 -12.70
C GLU A 66 -2.65 -7.71 -12.60
N GLU A 67 -3.55 -8.43 -11.92
CA GLU A 67 -3.60 -9.90 -11.90
C GLU A 67 -2.48 -10.56 -11.10
N GLN A 68 -1.85 -9.77 -10.22
CA GLN A 68 -0.86 -10.32 -9.27
C GLN A 68 -1.58 -11.16 -8.20
N LEU A 69 -2.69 -10.65 -7.71
CA LEU A 69 -3.59 -11.38 -6.82
C LEU A 69 -4.73 -11.91 -7.67
N SER A 70 -4.76 -13.23 -7.80
CA SER A 70 -5.82 -13.90 -8.56
C SER A 70 -6.03 -15.28 -7.98
N SER A 71 -7.10 -15.95 -8.42
CA SER A 71 -7.41 -17.29 -7.95
C SER A 71 -6.21 -18.23 -7.96
N ASN A 72 -5.99 -18.86 -6.81
CA ASN A 72 -4.96 -19.87 -6.55
C ASN A 72 -3.63 -19.32 -6.08
N CYS A 73 -3.46 -18.00 -6.13
CA CYS A 73 -2.21 -17.45 -5.60
C CYS A 73 -2.12 -17.60 -4.07
N VAL A 74 -0.89 -17.64 -3.55
CA VAL A 74 -0.65 -17.72 -2.13
C VAL A 74 -0.10 -16.39 -1.67
N CYS A 75 -0.69 -15.86 -0.60
CA CYS A 75 -0.34 -14.54 -0.13
C CYS A 75 -0.21 -14.49 1.38
N GLN A 76 0.62 -13.56 1.85
CA GLN A 76 0.77 -13.32 3.27
C GLN A 76 0.06 -12.02 3.62
N ILE A 77 -0.81 -12.10 4.61
CA ILE A 77 -1.54 -10.91 5.06
C ILE A 77 -0.67 -10.22 6.10
N HIS A 78 -0.17 -9.04 5.76
CA HIS A 78 0.70 -8.28 6.67
C HIS A 78 -0.03 -7.37 7.64
N ARG A 79 -1.21 -6.90 7.22
CA ARG A 79 -2.05 -6.08 8.10
C ARG A 79 -3.48 -6.31 7.70
N PHE A 80 -4.32 -6.51 8.72
CA PHE A 80 -5.76 -6.56 8.53
C PHE A 80 -6.51 -5.95 9.71
N ILE A 81 -7.78 -5.65 9.47
CA ILE A 81 -8.67 -5.12 10.49
C ILE A 81 -9.86 -6.06 10.53
N VAL A 82 -10.43 -6.25 11.71
CA VAL A 82 -11.66 -7.02 11.86
C VAL A 82 -12.77 -6.04 12.18
N ASN A 83 -13.94 -6.22 11.56
CA ASN A 83 -15.14 -5.52 11.96
C ASN A 83 -16.19 -6.58 12.24
N THR A 84 -17.07 -6.30 13.20
CA THR A 84 -18.11 -7.24 13.57
C THR A 84 -19.46 -6.63 13.28
N LEU A 85 -20.21 -7.31 12.42
CA LEU A 85 -21.54 -6.84 11.99
C LEU A 85 -22.56 -7.00 13.10
N LYS A 86 -23.66 -6.25 12.99
CA LYS A 86 -24.80 -6.41 13.90
C LYS A 86 -25.19 -7.85 14.08
N ASP A 87 -25.19 -8.64 12.99
CA ASP A 87 -25.63 -10.04 13.05
C ASP A 87 -24.60 -11.03 13.62
N GLY A 88 -23.43 -10.51 13.99
CA GLY A 88 -22.37 -11.29 14.63
C GLY A 88 -21.28 -11.81 13.70
N ARG A 89 -21.47 -11.68 12.39
CA ARG A 89 -20.42 -12.04 11.42
C ARG A 89 -19.22 -11.11 11.51
N ARG A 90 -18.04 -11.70 11.60
CA ARG A 90 -16.76 -10.98 11.52
C ARG A 90 -16.39 -10.84 10.04
N VAL A 91 -15.93 -9.65 9.69
CA VAL A 91 -15.46 -9.35 8.33
C VAL A 91 -14.03 -8.85 8.46
N VAL A 92 -13.15 -9.39 7.61
CA VAL A 92 -11.73 -9.03 7.62
C VAL A 92 -11.52 -8.06 6.46
N ILE A 93 -10.95 -6.91 6.77
CA ILE A 93 -10.50 -5.98 5.72
C ILE A 93 -9.00 -6.17 5.58
N LEU A 94 -8.58 -6.61 4.39
CA LEU A 94 -7.16 -6.83 4.09
C LEU A 94 -6.51 -5.51 3.72
N MET A 95 -5.57 -5.09 4.55
CA MET A 95 -4.98 -3.75 4.43
C MET A 95 -3.62 -3.79 3.76
N GLU A 96 -2.83 -4.83 4.03
CA GLU A 96 -1.54 -5.00 3.38
C GLU A 96 -1.37 -6.45 3.13
N LEU A 97 -0.92 -6.80 1.93
CA LEU A 97 -0.58 -8.20 1.66
C LEU A 97 0.52 -8.31 0.62
N GLU A 98 1.17 -9.47 0.61
CA GLU A 98 2.24 -9.74 -0.33
C GLU A 98 1.93 -11.07 -1.01
N VAL A 99 1.95 -11.08 -2.33
CA VAL A 99 1.77 -12.33 -3.07
C VAL A 99 3.09 -13.09 -3.01
N LEU A 100 3.07 -14.30 -2.45
CA LEU A 100 4.31 -15.06 -2.25
C LEU A 100 4.57 -15.96 -3.43
N LYS A 101 3.48 -16.46 -4.00
CA LYS A 101 3.54 -17.36 -5.13
C LYS A 101 2.35 -17.06 -6.00
N SER A 102 2.62 -16.87 -7.28
CA SER A 102 1.59 -16.47 -8.22
C SER A 102 0.61 -17.61 -8.46
N ALA A 103 -0.55 -17.26 -9.01
CA ALA A 103 -1.52 -18.27 -9.40
C ALA A 103 -0.90 -19.22 -10.42
N GLU A 104 -0.10 -18.63 -11.31
CA GLU A 104 0.59 -19.39 -12.36
C GLU A 104 1.50 -20.49 -11.74
N ALA A 105 2.21 -20.13 -10.68
CA ALA A 105 3.16 -21.03 -10.04
C ALA A 105 2.49 -22.11 -9.18
N VAL A 106 1.37 -21.77 -8.57
CA VAL A 106 0.65 -22.72 -7.69
C VAL A 106 -0.25 -23.65 -8.51
N GLY A 107 -1.00 -23.07 -9.44
CA GLY A 107 -1.73 -23.83 -10.46
C GLY A 107 -3.06 -24.45 -10.07
N VAL A 108 -3.22 -24.79 -8.79
CA VAL A 108 -4.40 -25.51 -8.29
C VAL A 108 -4.73 -25.07 -6.85
N LYS A 109 -5.94 -25.40 -6.40
CA LYS A 109 -6.32 -25.28 -4.98
C LYS A 109 -5.48 -26.24 -4.16
N ILE A 110 -4.94 -25.75 -3.05
CA ILE A 110 -4.14 -26.54 -2.11
C ILE A 110 -5.08 -27.31 -1.17
N GLY A 111 -4.98 -28.63 -1.22
CA GLY A 111 -5.74 -29.48 -0.32
C GLY A 111 -7.23 -29.45 -0.53
N ASN A 112 -7.96 -29.75 0.54
CA ASN A 112 -9.41 -29.94 0.48
C ASN A 112 -10.10 -29.14 1.59
N PRO A 113 -9.93 -27.80 1.56
CA PRO A 113 -10.60 -27.02 2.59
C PRO A 113 -12.12 -27.07 2.47
N VAL A 114 -12.79 -26.97 3.62
CA VAL A 114 -14.25 -26.96 3.69
C VAL A 114 -14.73 -25.61 4.22
N PRO A 115 -15.98 -25.24 3.91
CA PRO A 115 -16.45 -23.95 4.39
C PRO A 115 -16.37 -23.80 5.89
N TYR A 116 -15.97 -22.62 6.35
CA TYR A 116 -15.94 -22.38 7.78
C TYR A 116 -17.39 -22.49 8.29
N ASN A 117 -17.60 -23.23 9.37
CA ASN A 117 -18.94 -23.77 9.66
C ASN A 117 -19.34 -23.75 11.14
N GLU A 118 -18.67 -22.92 11.93
CA GLU A 118 -18.86 -22.95 13.38
C GLU A 118 -19.61 -21.72 13.91
N GLY B 1 11.06 23.34 -8.85
CA GLY B 1 10.83 22.53 -10.08
C GLY B 1 10.47 21.09 -9.74
N GLN B 2 10.61 20.70 -8.48
CA GLN B 2 10.32 19.34 -8.08
C GLN B 2 8.87 19.11 -7.68
N LEU B 3 8.13 20.20 -7.46
CA LEU B 3 6.75 20.08 -6.94
C LEU B 3 5.72 20.54 -7.98
N SER B 4 4.52 19.97 -7.89
CA SER B 4 3.44 20.27 -8.83
C SER B 4 2.78 21.63 -8.53
N GLU B 5 3.50 22.71 -8.82
CA GLU B 5 3.01 24.06 -8.52
C GLU B 5 1.65 24.30 -9.17
N GLY B 6 0.69 24.73 -8.36
CA GLY B 6 -0.67 25.00 -8.84
C GLY B 6 -1.66 23.84 -8.69
N ALA B 7 -1.17 22.67 -8.27
CA ALA B 7 -2.05 21.52 -8.07
C ALA B 7 -3.02 21.74 -6.94
N ILE B 8 -2.58 22.38 -5.87
CA ILE B 8 -3.48 22.66 -4.74
C ILE B 8 -4.64 23.54 -5.18
N ALA B 9 -4.34 24.64 -5.86
CA ALA B 9 -5.41 25.51 -6.39
C ALA B 9 -6.30 24.76 -7.38
N ALA B 10 -5.72 23.91 -8.22
CA ALA B 10 -6.49 23.09 -9.15
C ALA B 10 -7.50 22.20 -8.41
N ILE B 11 -7.00 21.48 -7.40
CA ILE B 11 -7.89 20.63 -6.61
C ILE B 11 -8.97 21.43 -5.88
N MET B 12 -8.60 22.55 -5.28
CA MET B 12 -9.57 23.34 -4.49
C MET B 12 -10.66 23.92 -5.35
N GLN B 13 -10.28 24.35 -6.55
CA GLN B 13 -11.20 24.98 -7.46
C GLN B 13 -11.97 24.02 -8.34
N LYS B 14 -11.25 23.16 -9.07
CA LYS B 14 -11.92 22.26 -10.00
C LYS B 14 -12.43 21.01 -9.33
N GLY B 15 -11.73 20.53 -8.29
CA GLY B 15 -12.09 19.31 -7.57
C GLY B 15 -11.88 17.98 -8.31
N ASP B 16 -11.11 18.03 -9.40
CA ASP B 16 -10.89 16.84 -10.22
C ASP B 16 -9.76 16.00 -9.63
N THR B 17 -9.82 14.71 -9.90
CA THR B 17 -8.93 13.74 -9.27
C THR B 17 -8.01 13.06 -10.29
N ASN B 18 -8.05 13.51 -11.54
CA ASN B 18 -7.26 12.90 -12.61
C ASN B 18 -5.88 13.54 -12.76
N ILE B 19 -5.23 13.71 -11.63
CA ILE B 19 -3.86 14.23 -11.56
C ILE B 19 -3.17 13.43 -10.48
N LYS B 20 -1.86 13.33 -10.57
CA LYS B 20 -1.04 12.60 -9.59
C LYS B 20 0.06 13.55 -9.10
N PRO B 21 -0.32 14.62 -8.35
CA PRO B 21 0.67 15.66 -8.09
C PRO B 21 1.78 15.24 -7.16
N ILE B 22 2.91 15.92 -7.33
CA ILE B 22 4.06 15.74 -6.44
C ILE B 22 4.04 16.89 -5.44
N LEU B 23 3.97 16.52 -4.17
CA LEU B 23 3.84 17.50 -3.10
C LEU B 23 4.90 17.28 -2.03
N GLN B 24 5.16 18.31 -1.24
CA GLN B 24 5.98 18.19 -0.07
C GLN B 24 5.16 18.21 1.21
N VAL B 25 5.43 17.27 2.10
CA VAL B 25 4.86 17.31 3.44
C VAL B 25 5.55 18.41 4.25
N ILE B 26 4.74 19.33 4.79
CA ILE B 26 5.29 20.36 5.67
C ILE B 26 5.19 19.94 7.13
N ASN B 27 4.04 19.41 7.54
CA ASN B 27 3.86 18.90 8.89
C ASN B 27 2.74 17.86 8.91
N ILE B 28 2.78 16.96 9.89
CA ILE B 28 1.75 15.95 10.11
C ILE B 28 1.32 16.00 11.57
N ARG B 29 0.01 16.02 11.79
CA ARG B 29 -0.53 16.10 13.15
C ARG B 29 -1.63 15.06 13.33
N PRO B 30 -1.50 14.23 14.37
CA PRO B 30 -2.53 13.24 14.63
C PRO B 30 -3.76 13.86 15.28
N ILE B 31 -4.93 13.38 14.88
CA ILE B 31 -6.11 13.54 15.70
C ILE B 31 -6.37 12.16 16.30
N THR B 32 -6.23 12.04 17.61
CA THR B 32 -6.36 10.74 18.28
C THR B 32 -7.69 10.60 19.02
N SER B 36 -8.19 2.64 18.97
CA SER B 36 -8.51 3.18 17.66
C SER B 36 -7.25 3.75 16.99
N PRO B 37 -7.04 3.42 15.70
CA PRO B 37 -5.89 4.01 15.01
C PRO B 37 -5.98 5.55 14.98
N PRO B 38 -4.82 6.25 15.06
CA PRO B 38 -4.89 7.71 14.96
C PRO B 38 -5.25 8.09 13.54
N ARG B 39 -5.82 9.27 13.32
CA ARG B 39 -6.01 9.78 11.95
C ARG B 39 -5.07 10.95 11.76
N TYR B 40 -4.28 10.89 10.71
CA TYR B 40 -3.30 11.94 10.46
C TYR B 40 -3.84 12.98 9.54
N ARG B 41 -3.65 14.25 9.92
CA ARG B 41 -3.93 15.40 9.06
C ARG B 41 -2.62 16.01 8.59
N LEU B 42 -2.58 16.43 7.33
CA LEU B 42 -1.34 16.91 6.76
C LEU B 42 -1.41 18.34 6.23
N LEU B 43 -0.38 19.12 6.56
CA LEU B 43 -0.14 20.39 5.91
C LEU B 43 0.83 20.13 4.75
N MET B 44 0.36 20.27 3.52
CA MET B 44 1.14 19.97 2.31
C MET B 44 1.43 21.21 1.51
N SER B 45 2.49 21.13 0.71
CA SER B 45 2.91 22.18 -0.15
C SER B 45 3.04 21.67 -1.56
N ASP B 46 2.62 22.48 -2.52
CA ASP B 46 2.90 22.22 -3.92
C ASP B 46 4.01 23.12 -4.46
N GLY B 47 4.70 23.81 -3.55
CA GLY B 47 5.77 24.74 -3.91
C GLY B 47 5.25 26.15 -4.07
N LEU B 48 3.98 26.29 -4.46
CA LEU B 48 3.33 27.60 -4.58
C LEU B 48 2.46 27.91 -3.37
N ASN B 49 1.61 26.96 -2.97
CA ASN B 49 0.73 27.12 -1.82
C ASN B 49 0.91 26.01 -0.81
N THR B 50 0.54 26.30 0.42
CA THR B 50 0.34 25.28 1.45
C THR B 50 -1.13 25.19 1.85
N LEU B 51 -1.54 24.02 2.33
CA LEU B 51 -2.93 23.78 2.72
C LEU B 51 -2.94 22.60 3.66
N SER B 52 -3.73 22.70 4.73
CA SER B 52 -3.83 21.63 5.73
C SER B 52 -5.07 20.78 5.61
N SER B 53 -5.81 20.94 4.51
CA SER B 53 -7.07 20.23 4.31
C SER B 53 -6.81 18.88 3.66
N PHE B 54 -5.87 18.12 4.22
CA PHE B 54 -5.52 16.79 3.75
C PHE B 54 -5.64 15.79 4.91
N MET B 55 -6.34 14.69 4.67
CA MET B 55 -6.41 13.60 5.64
C MET B 55 -5.80 12.36 5.03
N LEU B 56 -5.05 11.61 5.83
CA LEU B 56 -4.46 10.38 5.35
C LEU B 56 -5.44 9.23 5.52
N ALA B 57 -5.66 8.46 4.45
CA ALA B 57 -6.37 7.18 4.57
C ALA B 57 -5.65 6.29 5.63
N THR B 58 -6.45 5.60 6.45
CA THR B 58 -5.92 4.70 7.47
C THR B 58 -4.90 3.68 6.90
N GLN B 59 -5.14 3.22 5.69
CA GLN B 59 -4.26 2.24 5.08
C GLN B 59 -2.80 2.73 4.99
N LEU B 60 -2.63 4.05 4.86
CA LEU B 60 -1.31 4.66 4.74
C LEU B 60 -0.66 5.02 6.08
N ASN B 61 -1.37 4.83 7.18
CA ASN B 61 -0.79 5.13 8.50
C ASN B 61 0.62 4.53 8.75
N PRO B 62 0.87 3.29 8.34
CA PRO B 62 2.23 2.79 8.59
C PRO B 62 3.34 3.64 7.97
N LEU B 63 3.07 4.35 6.86
CA LEU B 63 4.11 5.22 6.29
C LEU B 63 4.48 6.35 7.28
N VAL B 64 3.50 6.84 8.01
CA VAL B 64 3.75 7.88 9.03
C VAL B 64 4.47 7.26 10.21
N GLU B 65 3.96 6.11 10.65
CA GLU B 65 4.48 5.50 11.87
C GLU B 65 5.93 4.99 11.70
N GLU B 66 6.28 4.60 10.47
CA GLU B 66 7.63 4.12 10.18
C GLU B 66 8.56 5.26 9.73
N GLU B 67 8.02 6.49 9.71
CA GLU B 67 8.72 7.74 9.36
C GLU B 67 9.04 7.90 7.88
N GLN B 68 8.42 7.09 7.04
CA GLN B 68 8.61 7.27 5.60
C GLN B 68 7.97 8.59 5.15
N LEU B 69 6.77 8.84 5.62
CA LEU B 69 6.03 10.07 5.40
C LEU B 69 6.29 10.90 6.67
N SER B 70 7.05 11.98 6.51
CA SER B 70 7.43 12.89 7.59
C SER B 70 7.66 14.29 7.03
N SER B 71 7.73 15.27 7.93
CA SER B 71 8.03 16.66 7.55
C SER B 71 9.23 16.78 6.62
N ASN B 72 8.99 17.44 5.48
CA ASN B 72 9.95 17.75 4.41
C ASN B 72 10.12 16.66 3.35
N CYS B 73 9.52 15.48 3.57
CA CYS B 73 9.56 14.48 2.48
C CYS B 73 8.77 14.95 1.25
N VAL B 74 9.10 14.38 0.10
CA VAL B 74 8.47 14.71 -1.17
C VAL B 74 7.78 13.44 -1.63
N CYS B 75 6.50 13.53 -1.95
CA CYS B 75 5.73 12.36 -2.29
C CYS B 75 4.85 12.60 -3.50
N GLN B 76 4.57 11.54 -4.24
CA GLN B 76 3.63 11.63 -5.33
C GLN B 76 2.32 11.02 -4.92
N ILE B 77 1.25 11.77 -5.10
CA ILE B 77 -0.08 11.29 -4.79
C ILE B 77 -0.64 10.49 -5.98
N HIS B 78 -0.86 9.20 -5.76
CA HIS B 78 -1.33 8.34 -6.84
C HIS B 78 -2.84 8.22 -6.92
N ARG B 79 -3.51 8.42 -5.79
CA ARG B 79 -4.97 8.49 -5.78
C ARG B 79 -5.43 9.30 -4.60
N PHE B 80 -6.41 10.18 -4.85
CA PHE B 80 -7.04 10.89 -3.78
C PHE B 80 -8.52 11.07 -4.10
N ILE B 81 -9.24 11.39 -3.03
CA ILE B 81 -10.68 11.63 -3.08
C ILE B 81 -10.92 13.05 -2.56
N VAL B 82 -11.78 13.78 -3.26
CA VAL B 82 -12.19 15.10 -2.81
C VAL B 82 -13.55 14.97 -2.15
N ASN B 83 -13.70 15.65 -1.01
CA ASN B 83 -14.97 15.79 -0.33
C ASN B 83 -15.23 17.26 -0.06
N THR B 84 -16.45 17.69 -0.30
CA THR B 84 -16.79 19.09 -0.15
C THR B 84 -17.76 19.22 1.02
N LEU B 85 -17.36 19.99 2.02
CA LEU B 85 -18.16 20.17 3.23
C LEU B 85 -19.37 21.05 2.95
N LYS B 86 -20.38 20.97 3.82
CA LYS B 86 -21.52 21.91 3.74
C LYS B 86 -21.12 23.36 3.60
N ASP B 87 -20.06 23.78 4.33
CA ASP B 87 -19.63 25.18 4.33
C ASP B 87 -18.84 25.57 3.07
N GLY B 88 -18.60 24.60 2.19
CA GLY B 88 -17.89 24.83 0.92
C GLY B 88 -16.39 24.51 0.90
N ARG B 89 -15.80 24.24 2.07
CA ARG B 89 -14.40 23.85 2.14
C ARG B 89 -14.22 22.46 1.57
N ARG B 90 -13.18 22.31 0.76
CA ARG B 90 -12.84 21.02 0.20
C ARG B 90 -11.75 20.37 1.02
N VAL B 91 -11.92 19.06 1.21
CA VAL B 91 -10.99 18.23 1.95
C VAL B 91 -10.49 17.14 1.01
N VAL B 92 -9.18 16.89 1.04
CA VAL B 92 -8.57 15.89 0.20
C VAL B 92 -8.24 14.69 1.09
N ILE B 93 -8.76 13.52 0.73
CA ILE B 93 -8.35 12.30 1.41
C ILE B 93 -7.30 11.62 0.52
N LEU B 94 -6.07 11.56 1.04
CA LEU B 94 -4.95 10.92 0.37
C LEU B 94 -5.10 9.41 0.47
N MET B 95 -5.33 8.75 -0.67
CA MET B 95 -5.61 7.31 -0.66
C MET B 95 -4.41 6.42 -0.95
N GLU B 96 -3.59 6.81 -1.94
CA GLU B 96 -2.39 6.09 -2.34
C GLU B 96 -1.33 7.12 -2.63
N LEU B 97 -0.12 6.86 -2.16
CA LEU B 97 1.00 7.75 -2.44
C LEU B 97 2.32 7.00 -2.35
N GLU B 98 3.35 7.57 -2.96
CA GLU B 98 4.68 7.03 -2.93
C GLU B 98 5.61 8.13 -2.44
N VAL B 99 6.44 7.82 -1.46
CA VAL B 99 7.46 8.77 -1.02
C VAL B 99 8.63 8.70 -2.02
N LEU B 100 8.89 9.82 -2.68
CA LEU B 100 9.94 9.90 -3.69
C LEU B 100 11.29 10.25 -3.10
N LYS B 101 11.28 11.08 -2.07
CA LYS B 101 12.51 11.53 -1.44
C LYS B 101 12.22 11.72 0.03
N SER B 102 13.08 11.13 0.86
CA SER B 102 12.90 11.19 2.32
C SER B 102 13.10 12.61 2.86
N ALA B 103 12.57 12.85 4.06
CA ALA B 103 12.78 14.11 4.75
C ALA B 103 14.26 14.38 4.92
N GLU B 104 15.03 13.34 5.21
CA GLU B 104 16.47 13.52 5.40
C GLU B 104 17.15 13.94 4.11
N ALA B 105 16.70 13.38 2.99
CA ALA B 105 17.31 13.64 1.70
C ALA B 105 16.98 15.07 1.26
N VAL B 106 15.76 15.52 1.50
CA VAL B 106 15.33 16.86 1.09
C VAL B 106 15.92 17.91 2.03
N GLY B 107 15.69 17.74 3.33
CA GLY B 107 16.43 18.46 4.37
C GLY B 107 15.83 19.80 4.77
N VAL B 108 15.04 20.38 3.90
CA VAL B 108 14.50 21.73 4.11
C VAL B 108 13.14 21.83 3.45
N LYS B 109 12.36 22.85 3.84
CA LYS B 109 11.16 23.25 3.09
C LYS B 109 11.59 23.77 1.72
N ILE B 110 10.91 23.31 0.66
CA ILE B 110 11.29 23.67 -0.70
C ILE B 110 10.59 24.97 -1.06
N GLY B 111 11.38 25.97 -1.48
CA GLY B 111 10.79 27.22 -1.97
C GLY B 111 10.10 28.03 -0.90
N ASN B 112 9.15 28.86 -1.35
CA ASN B 112 8.50 29.84 -0.47
C ASN B 112 6.98 29.83 -0.61
N PRO B 113 6.36 28.67 -0.34
CA PRO B 113 4.91 28.59 -0.47
C PRO B 113 4.16 29.46 0.54
N VAL B 114 3.01 29.95 0.12
CA VAL B 114 2.14 30.78 0.94
C VAL B 114 0.82 30.05 1.14
N PRO B 115 0.10 30.34 2.22
CA PRO B 115 -1.15 29.61 2.40
C PRO B 115 -2.11 29.81 1.23
N TYR B 116 -2.80 28.74 0.84
CA TYR B 116 -3.86 28.87 -0.15
C TYR B 116 -4.94 29.79 0.41
N ASN B 117 -5.35 30.80 -0.36
CA ASN B 117 -6.16 31.90 0.17
C ASN B 117 -7.20 32.45 -0.83
N GLU B 118 -7.95 31.55 -1.46
CA GLU B 118 -8.99 31.94 -2.40
C GLU B 118 -10.23 31.07 -2.29
N LEU C 3 -15.78 2.06 -26.13
CA LEU C 3 -15.06 0.76 -26.18
C LEU C 3 -16.00 -0.36 -26.54
N SER C 4 -15.43 -1.42 -27.11
CA SER C 4 -16.20 -2.60 -27.53
C SER C 4 -16.52 -3.51 -26.32
N GLU C 5 -17.43 -3.05 -25.48
CA GLU C 5 -17.85 -3.77 -24.27
C GLU C 5 -18.29 -5.18 -24.56
N GLY C 6 -17.65 -6.16 -23.94
CA GLY C 6 -18.00 -7.56 -24.20
C GLY C 6 -17.05 -8.27 -25.14
N ALA C 7 -16.19 -7.49 -25.83
CA ALA C 7 -15.21 -8.07 -26.76
C ALA C 7 -14.22 -9.01 -26.09
N ILE C 8 -13.79 -8.69 -24.86
CA ILE C 8 -12.83 -9.55 -24.21
C ILE C 8 -13.43 -10.92 -23.88
N ALA C 9 -14.63 -10.90 -23.31
CA ALA C 9 -15.40 -12.12 -23.06
C ALA C 9 -15.57 -12.93 -24.34
N ALA C 10 -15.94 -12.25 -25.43
CA ALA C 10 -16.16 -12.93 -26.71
C ALA C 10 -14.90 -13.62 -27.25
N ILE C 11 -13.77 -12.91 -27.22
CA ILE C 11 -12.50 -13.47 -27.68
C ILE C 11 -12.09 -14.67 -26.83
N MET C 12 -12.33 -14.59 -25.53
CA MET C 12 -11.92 -15.64 -24.62
C MET C 12 -12.81 -16.87 -24.73
N GLN C 13 -14.07 -16.65 -25.08
CA GLN C 13 -15.09 -17.71 -25.10
C GLN C 13 -15.34 -18.35 -26.46
N LYS C 14 -15.19 -17.57 -27.54
CA LYS C 14 -15.47 -18.03 -28.90
C LYS C 14 -14.22 -17.96 -29.77
N GLY C 15 -13.39 -16.96 -29.53
CA GLY C 15 -12.16 -16.75 -30.28
C GLY C 15 -12.39 -16.28 -31.70
N ASP C 16 -13.49 -15.55 -31.90
CA ASP C 16 -13.87 -15.06 -33.23
C ASP C 16 -12.96 -13.91 -33.68
N THR C 17 -11.99 -14.25 -34.53
CA THR C 17 -11.04 -13.30 -35.10
C THR C 17 -11.70 -12.19 -35.93
N ASN C 18 -12.91 -12.47 -36.41
CA ASN C 18 -13.60 -11.60 -37.37
C ASN C 18 -14.22 -10.32 -36.82
N ILE C 19 -13.82 -9.91 -35.61
CA ILE C 19 -14.21 -8.61 -35.07
C ILE C 19 -12.98 -7.68 -34.97
N LYS C 20 -13.21 -6.37 -35.01
CA LYS C 20 -12.13 -5.40 -34.83
C LYS C 20 -12.43 -4.51 -33.63
N PRO C 21 -12.15 -5.03 -32.42
CA PRO C 21 -12.58 -4.34 -31.22
C PRO C 21 -11.81 -3.05 -30.92
N ILE C 22 -12.49 -2.14 -30.26
CA ILE C 22 -11.88 -0.94 -29.72
C ILE C 22 -11.62 -1.18 -28.24
N LEU C 23 -10.35 -1.03 -27.84
CA LEU C 23 -9.91 -1.36 -26.47
C LEU C 23 -9.11 -0.18 -25.92
N GLN C 24 -9.01 -0.13 -24.60
CA GLN C 24 -8.11 0.81 -23.96
C GLN C 24 -6.91 0.06 -23.37
N VAL C 25 -5.71 0.58 -23.59
CA VAL C 25 -4.53 0.02 -22.95
C VAL C 25 -4.50 0.53 -21.52
N ILE C 26 -4.41 -0.38 -20.56
CA ILE C 26 -4.35 0.02 -19.16
C ILE C 26 -2.90 0.07 -18.69
N ASN C 27 -2.12 -0.94 -19.07
CA ASN C 27 -0.68 -0.92 -18.78
C ASN C 27 0.05 -1.79 -19.79
N ILE C 28 1.35 -1.54 -19.94
CA ILE C 28 2.22 -2.29 -20.82
C ILE C 28 3.46 -2.67 -20.03
N ARG C 29 3.78 -3.95 -20.03
CA ARG C 29 4.97 -4.42 -19.30
C ARG C 29 5.87 -5.26 -20.20
N PRO C 30 7.17 -4.96 -20.20
CA PRO C 30 8.07 -5.77 -21.01
C PRO C 30 8.50 -7.05 -20.31
N ILE C 31 8.67 -8.11 -21.09
CA ILE C 31 9.41 -9.28 -20.63
C ILE C 31 10.79 -9.26 -21.28
N THR C 32 11.83 -9.16 -20.46
CA THR C 32 13.20 -8.88 -20.90
C THR C 32 14.13 -10.07 -20.68
N PRO C 37 16.28 -7.89 -26.46
CA PRO C 37 15.17 -7.49 -27.31
C PRO C 37 13.81 -7.68 -26.62
N PRO C 38 13.15 -6.57 -26.23
CA PRO C 38 11.94 -6.69 -25.43
C PRO C 38 10.74 -7.29 -26.14
N ARG C 39 9.91 -7.99 -25.37
CA ARG C 39 8.58 -8.37 -25.80
C ARG C 39 7.55 -7.71 -24.87
N TYR C 40 6.52 -7.11 -25.44
CA TYR C 40 5.56 -6.34 -24.68
C TYR C 40 4.26 -7.07 -24.49
N ARG C 41 3.88 -7.20 -23.21
CA ARG C 41 2.61 -7.80 -22.78
C ARG C 41 1.71 -6.65 -22.35
N LEU C 42 0.44 -6.69 -22.75
CA LEU C 42 -0.49 -5.60 -22.46
C LEU C 42 -1.66 -6.04 -21.61
N LEU C 43 -1.99 -5.20 -20.62
CA LEU C 43 -3.26 -5.25 -19.89
C LEU C 43 -4.25 -4.33 -20.62
N MET C 44 -5.29 -4.94 -21.20
CA MET C 44 -6.26 -4.21 -22.03
C MET C 44 -7.63 -4.22 -21.40
N SER C 45 -8.43 -3.20 -21.72
CA SER C 45 -9.78 -3.10 -21.22
C SER C 45 -10.76 -2.90 -22.37
N ASP C 46 -11.90 -3.56 -22.30
CA ASP C 46 -12.99 -3.26 -23.24
C ASP C 46 -14.05 -2.38 -22.60
N GLY C 47 -13.72 -1.78 -21.46
CA GLY C 47 -14.67 -0.98 -20.71
C GLY C 47 -15.41 -1.76 -19.61
N LEU C 48 -15.57 -3.07 -19.79
CA LEU C 48 -16.26 -3.93 -18.81
C LEU C 48 -15.26 -4.81 -18.07
N ASN C 49 -14.38 -5.43 -18.86
CA ASN C 49 -13.34 -6.31 -18.34
C ASN C 49 -11.95 -5.89 -18.70
N THR C 50 -11.00 -6.26 -17.84
CA THR C 50 -9.59 -6.19 -18.18
C THR C 50 -8.99 -7.58 -18.26
N LEU C 51 -7.90 -7.71 -19.02
CA LEU C 51 -7.23 -8.98 -19.20
C LEU C 51 -5.81 -8.69 -19.64
N SER C 52 -4.85 -9.43 -19.07
CA SER C 52 -3.43 -9.21 -19.38
C SER C 52 -2.87 -10.24 -20.38
N SER C 53 -3.74 -11.09 -20.91
CA SER C 53 -3.33 -12.12 -21.86
C SER C 53 -3.21 -11.60 -23.30
N PHE C 54 -2.49 -10.50 -23.44
CA PHE C 54 -2.25 -9.90 -24.76
C PHE C 54 -0.76 -9.74 -24.98
N MET C 55 -0.25 -10.27 -26.07
CA MET C 55 1.15 -10.10 -26.44
C MET C 55 1.22 -9.27 -27.70
N LEU C 56 2.15 -8.33 -27.74
CA LEU C 56 2.34 -7.53 -28.94
C LEU C 56 3.27 -8.25 -29.91
N ALA C 57 2.85 -8.40 -31.17
CA ALA C 57 3.82 -8.90 -32.17
C ALA C 57 5.05 -7.98 -32.24
N THR C 58 6.23 -8.58 -32.35
CA THR C 58 7.50 -7.84 -32.43
C THR C 58 7.51 -6.70 -33.42
N GLN C 59 6.91 -6.91 -34.59
CA GLN C 59 6.79 -5.87 -35.62
C GLN C 59 6.10 -4.59 -35.15
N LEU C 60 5.31 -4.66 -34.08
CA LEU C 60 4.58 -3.49 -33.55
C LEU C 60 5.32 -2.80 -32.40
N ASN C 61 6.47 -3.33 -32.01
CA ASN C 61 7.28 -2.71 -30.94
C ASN C 61 7.51 -1.19 -31.09
N PRO C 62 7.75 -0.68 -32.32
CA PRO C 62 7.94 0.77 -32.41
C PRO C 62 6.76 1.60 -31.92
N LEU C 63 5.53 1.07 -31.97
CA LEU C 63 4.37 1.79 -31.44
C LEU C 63 4.50 2.02 -29.94
N VAL C 64 5.08 1.04 -29.25
CA VAL C 64 5.33 1.16 -27.80
C VAL C 64 6.52 2.05 -27.54
N GLU C 65 7.58 1.85 -28.32
CA GLU C 65 8.85 2.52 -28.01
C GLU C 65 8.80 4.02 -28.33
N GLU C 66 7.95 4.39 -29.30
CA GLU C 66 7.73 5.78 -29.65
C GLU C 66 6.49 6.37 -28.95
N GLU C 67 5.92 5.60 -28.01
CA GLU C 67 4.84 6.06 -27.14
C GLU C 67 3.46 6.26 -27.76
N GLN C 68 3.26 5.77 -28.99
CA GLN C 68 1.95 5.88 -29.61
C GLN C 68 0.99 5.00 -28.84
N LEU C 69 1.47 3.81 -28.52
CA LEU C 69 0.77 2.84 -27.70
C LEU C 69 1.33 2.96 -26.28
N SER C 70 0.54 3.52 -25.38
CA SER C 70 0.93 3.64 -23.97
C SER C 70 -0.29 3.66 -23.06
N SER C 71 -0.07 3.58 -21.75
CA SER C 71 -1.17 3.47 -20.79
C SER C 71 -2.21 4.55 -20.98
N ASN C 72 -3.47 4.12 -21.06
CA ASN C 72 -4.67 4.94 -21.27
C ASN C 72 -5.03 5.25 -22.72
N CYS C 73 -4.13 4.98 -23.67
CA CYS C 73 -4.50 5.21 -25.06
C CYS C 73 -5.66 4.29 -25.49
N VAL C 74 -6.43 4.74 -26.49
CA VAL C 74 -7.50 3.92 -27.05
C VAL C 74 -7.11 3.48 -28.45
N CYS C 75 -7.22 2.18 -28.71
CA CYS C 75 -6.81 1.63 -30.00
C CYS C 75 -7.88 0.70 -30.58
N GLN C 76 -7.82 0.51 -31.91
CA GLN C 76 -8.65 -0.50 -32.56
C GLN C 76 -7.79 -1.64 -33.03
N ILE C 77 -8.16 -2.88 -32.69
CA ILE C 77 -7.37 -4.03 -33.10
C ILE C 77 -7.86 -4.43 -34.50
N HIS C 78 -6.97 -4.45 -35.49
CA HIS C 78 -7.37 -4.87 -36.86
C HIS C 78 -7.05 -6.33 -37.20
N ARG C 79 -5.97 -6.87 -36.63
CA ARG C 79 -5.61 -8.28 -36.84
C ARG C 79 -5.04 -8.84 -35.55
N PHE C 80 -5.63 -9.95 -35.11
CA PHE C 80 -5.13 -10.67 -33.95
C PHE C 80 -5.42 -12.15 -34.13
N ILE C 81 -4.71 -12.97 -33.36
CA ILE C 81 -4.95 -14.41 -33.32
C ILE C 81 -4.98 -14.86 -31.89
N VAL C 82 -5.72 -15.93 -31.65
CA VAL C 82 -5.83 -16.51 -30.32
C VAL C 82 -5.15 -17.87 -30.30
N ASN C 83 -4.20 -18.02 -29.38
CA ASN C 83 -3.56 -19.29 -29.11
C ASN C 83 -3.98 -19.77 -27.73
N THR C 84 -4.20 -21.07 -27.59
CA THR C 84 -4.52 -21.62 -26.28
C THR C 84 -3.32 -22.39 -25.77
N LEU C 85 -2.90 -22.05 -24.56
CA LEU C 85 -1.76 -22.72 -23.94
C LEU C 85 -2.15 -24.12 -23.46
N LYS C 86 -1.14 -24.88 -22.99
CA LYS C 86 -1.36 -26.26 -22.55
C LYS C 86 -2.31 -26.36 -21.34
N ASP C 87 -2.22 -25.37 -20.45
CA ASP C 87 -3.08 -25.30 -19.27
C ASP C 87 -4.50 -24.80 -19.58
N GLY C 88 -4.75 -24.48 -20.85
CA GLY C 88 -6.08 -24.08 -21.30
C GLY C 88 -6.33 -22.58 -21.34
N ARG C 89 -5.35 -21.80 -20.96
CA ARG C 89 -5.48 -20.35 -20.97
C ARG C 89 -5.27 -19.82 -22.38
N ARG C 90 -6.10 -18.86 -22.78
CA ARG C 90 -6.00 -18.30 -24.11
C ARG C 90 -5.15 -17.04 -24.07
N VAL C 91 -4.31 -16.86 -25.09
CA VAL C 91 -3.49 -15.65 -25.23
C VAL C 91 -3.76 -15.00 -26.58
N VAL C 92 -3.88 -13.68 -26.59
CA VAL C 92 -4.17 -12.94 -27.82
C VAL C 92 -2.86 -12.37 -28.34
N ILE C 93 -2.51 -12.65 -29.59
CA ILE C 93 -1.35 -12.00 -30.20
C ILE C 93 -1.85 -10.88 -31.10
N LEU C 94 -1.44 -9.65 -30.79
CA LEU C 94 -1.84 -8.46 -31.56
C LEU C 94 -0.91 -8.23 -32.73
N MET C 95 -1.45 -8.24 -33.96
CA MET C 95 -0.59 -8.20 -35.15
C MET C 95 -0.68 -6.89 -35.95
N GLU C 96 -1.85 -6.26 -35.92
CA GLU C 96 -2.07 -4.97 -36.56
C GLU C 96 -3.06 -4.17 -35.70
N LEU C 97 -2.75 -2.90 -35.44
CA LEU C 97 -3.68 -2.05 -34.69
C LEU C 97 -3.47 -0.59 -35.06
N GLU C 98 -4.45 0.25 -34.73
CA GLU C 98 -4.28 1.69 -34.87
C GLU C 98 -4.68 2.39 -33.59
N VAL C 99 -3.87 3.35 -33.16
CA VAL C 99 -4.17 4.13 -31.98
C VAL C 99 -5.14 5.24 -32.37
N LEU C 100 -6.34 5.20 -31.81
CA LEU C 100 -7.37 6.18 -32.17
C LEU C 100 -7.28 7.47 -31.37
N LYS C 101 -6.90 7.35 -30.11
CA LYS C 101 -6.73 8.50 -29.24
C LYS C 101 -5.54 8.26 -28.34
N SER C 102 -4.68 9.27 -28.23
CA SER C 102 -3.46 9.10 -27.45
C SER C 102 -3.77 9.04 -25.96
N ALA C 103 -2.80 8.56 -25.19
CA ALA C 103 -2.92 8.49 -23.73
C ALA C 103 -3.20 9.87 -23.16
N GLU C 104 -2.50 10.86 -23.72
CA GLU C 104 -2.63 12.25 -23.27
C GLU C 104 -4.03 12.79 -23.52
N ALA C 105 -4.60 12.47 -24.68
CA ALA C 105 -5.95 12.93 -25.04
C ALA C 105 -7.05 12.28 -24.19
N VAL C 106 -6.88 11.01 -23.84
CA VAL C 106 -7.88 10.27 -23.08
C VAL C 106 -7.75 10.64 -21.61
N GLY C 107 -6.51 10.65 -21.12
CA GLY C 107 -6.17 11.12 -19.78
C GLY C 107 -6.44 10.25 -18.56
N VAL C 108 -7.29 9.22 -18.70
CA VAL C 108 -7.76 8.45 -17.54
C VAL C 108 -8.22 7.09 -17.98
N LYS C 109 -8.32 6.16 -17.03
CA LYS C 109 -8.94 4.87 -17.29
C LYS C 109 -10.44 5.12 -17.54
N ILE C 110 -10.98 4.50 -18.58
CA ILE C 110 -12.39 4.63 -18.92
C ILE C 110 -13.22 3.60 -18.13
N GLY C 111 -14.14 4.10 -17.33
CA GLY C 111 -15.05 3.26 -16.57
C GLY C 111 -14.35 2.60 -15.40
N ASN C 112 -14.96 1.53 -14.93
CA ASN C 112 -14.40 0.75 -13.83
C ASN C 112 -14.38 -0.73 -14.20
N PRO C 113 -13.55 -1.11 -15.20
CA PRO C 113 -13.48 -2.49 -15.63
C PRO C 113 -12.89 -3.39 -14.54
N VAL C 114 -13.38 -4.63 -14.50
CA VAL C 114 -12.94 -5.62 -13.52
C VAL C 114 -12.27 -6.78 -14.27
N PRO C 115 -11.39 -7.56 -13.63
CA PRO C 115 -10.71 -8.65 -14.37
C PRO C 115 -11.67 -9.65 -15.00
N TYR C 116 -11.38 -10.08 -16.24
CA TYR C 116 -12.16 -11.16 -16.84
C TYR C 116 -12.00 -12.40 -15.96
N ASN C 117 -13.15 -12.93 -15.53
CA ASN C 117 -13.22 -13.92 -14.45
C ASN C 117 -14.11 -15.12 -14.79
N GLU C 118 -14.20 -15.48 -16.06
CA GLU C 118 -15.06 -16.57 -16.52
C GLU C 118 -14.35 -17.47 -17.53
N GLN D 2 2.95 -1.59 30.66
CA GLN D 2 3.98 -1.07 31.61
C GLN D 2 4.95 -0.09 30.94
N LEU D 3 4.61 0.38 29.75
CA LEU D 3 5.50 1.30 29.03
C LEU D 3 5.60 2.66 29.70
N SER D 4 6.79 3.25 29.69
CA SER D 4 7.00 4.56 30.32
C SER D 4 6.44 5.69 29.44
N GLU D 5 5.13 5.80 29.37
CA GLU D 5 4.48 6.79 28.50
C GLU D 5 4.99 8.18 28.84
N GLY D 6 5.49 8.88 27.82
CA GLY D 6 6.01 10.24 27.97
C GLY D 6 7.51 10.34 28.20
N ALA D 7 8.15 9.18 28.36
CA ALA D 7 9.59 9.14 28.53
C ALA D 7 10.39 9.61 27.31
N ILE D 8 9.96 9.25 26.10
CA ILE D 8 10.75 9.68 24.94
C ILE D 8 10.71 11.20 24.77
N ALA D 9 9.53 11.77 24.92
CA ALA D 9 9.41 13.23 24.87
C ALA D 9 10.28 13.89 25.94
N ALA D 10 10.23 13.36 27.16
CA ALA D 10 11.08 13.90 28.24
C ALA D 10 12.57 13.81 27.93
N ILE D 11 13.02 12.66 27.42
CA ILE D 11 14.45 12.48 27.09
C ILE D 11 14.89 13.41 25.96
N MET D 12 14.02 13.58 24.96
CA MET D 12 14.34 14.46 23.83
C MET D 12 14.36 15.93 24.25
N GLN D 13 13.58 16.28 25.26
CA GLN D 13 13.55 17.68 25.71
C GLN D 13 14.70 18.03 26.65
N LYS D 14 14.92 17.17 27.65
CA LYS D 14 15.80 17.49 28.75
C LYS D 14 16.96 16.51 28.96
N GLY D 15 16.87 15.32 28.35
CA GLY D 15 17.95 14.31 28.41
C GLY D 15 18.36 13.81 29.79
N ASP D 16 17.40 13.68 30.70
CA ASP D 16 17.68 13.15 32.04
C ASP D 16 18.00 11.65 31.95
N THR D 17 19.29 11.33 32.01
CA THR D 17 19.76 9.94 31.87
C THR D 17 19.38 9.08 33.07
N ASN D 18 18.78 9.70 34.08
CA ASN D 18 18.26 8.97 35.23
C ASN D 18 16.87 8.37 35.00
N ILE D 19 16.21 8.75 33.92
CA ILE D 19 14.98 8.07 33.51
C ILE D 19 15.46 6.69 33.05
N LYS D 20 14.87 5.63 33.61
CA LYS D 20 15.19 4.27 33.21
C LYS D 20 13.96 3.69 32.53
N PRO D 21 13.73 4.12 31.27
CA PRO D 21 12.44 3.91 30.65
C PRO D 21 12.20 2.47 30.21
N ILE D 22 10.94 2.04 30.34
CA ILE D 22 10.49 0.78 29.80
C ILE D 22 9.91 1.10 28.41
N LEU D 23 10.47 0.46 27.38
CA LEU D 23 10.13 0.81 25.99
C LEU D 23 9.83 -0.46 25.24
N GLN D 24 9.05 -0.32 24.17
CA GLN D 24 8.83 -1.42 23.26
C GLN D 24 9.61 -1.18 21.97
N VAL D 25 10.31 -2.20 21.51
CA VAL D 25 10.95 -2.16 20.19
C VAL D 25 9.89 -2.33 19.13
N ILE D 26 9.82 -1.40 18.19
CA ILE D 26 8.89 -1.52 17.06
C ILE D 26 9.60 -2.17 15.88
N ASN D 27 10.81 -1.70 15.55
CA ASN D 27 11.58 -2.33 14.49
C ASN D 27 13.06 -2.06 14.69
N ILE D 28 13.87 -2.87 14.03
CA ILE D 28 15.30 -2.78 14.12
C ILE D 28 15.86 -2.88 12.73
N ARG D 29 16.73 -1.95 12.35
CA ARG D 29 17.32 -1.92 11.02
C ARG D 29 18.84 -1.82 11.11
N PRO D 30 19.54 -2.67 10.38
CA PRO D 30 21.00 -2.62 10.33
C PRO D 30 21.49 -1.57 9.33
N ILE D 31 22.58 -0.90 9.70
CA ILE D 31 23.28 -0.01 8.79
C ILE D 31 24.67 -0.61 8.59
N THR D 32 24.97 -0.94 7.33
CA THR D 32 26.17 -1.71 6.98
C THR D 32 27.35 -0.80 6.69
N PRO D 37 31.13 -4.90 10.60
CA PRO D 37 29.95 -5.31 11.37
C PRO D 37 28.83 -4.28 11.37
N PRO D 38 27.57 -4.76 11.39
CA PRO D 38 26.44 -3.84 11.32
C PRO D 38 26.28 -3.02 12.58
N ARG D 39 25.68 -1.84 12.41
CA ARG D 39 25.22 -1.04 13.52
C ARG D 39 23.70 -1.04 13.45
N TYR D 40 23.07 -1.27 14.58
CA TYR D 40 21.63 -1.40 14.62
C TYR D 40 20.96 -0.16 15.13
N ARG D 41 20.04 0.36 14.30
CA ARG D 41 19.20 1.49 14.62
C ARG D 41 17.80 0.99 14.99
N LEU D 42 17.20 1.58 16.03
CA LEU D 42 15.94 1.09 16.54
C LEU D 42 14.85 2.16 16.51
N LEU D 43 13.66 1.73 16.06
CA LEU D 43 12.44 2.49 16.20
C LEU D 43 11.78 1.99 17.48
N MET D 44 11.68 2.86 18.48
CA MET D 44 11.20 2.49 19.82
C MET D 44 9.92 3.22 20.14
N SER D 45 9.14 2.65 21.04
CA SER D 45 7.86 3.19 21.49
C SER D 45 7.81 3.23 23.01
N ASP D 46 7.31 4.33 23.54
CA ASP D 46 6.94 4.37 24.97
C ASP D 46 5.45 4.23 25.24
N GLY D 47 4.67 3.81 24.24
CA GLY D 47 3.23 3.65 24.38
C GLY D 47 2.50 4.91 23.93
N LEU D 48 3.19 6.04 23.99
CA LEU D 48 2.61 7.34 23.58
C LEU D 48 3.23 7.83 22.26
N ASN D 49 4.55 7.83 22.23
CA ASN D 49 5.29 8.22 21.04
C ASN D 49 6.21 7.15 20.54
N THR D 50 6.50 7.23 19.24
CA THR D 50 7.56 6.45 18.63
C THR D 50 8.64 7.36 18.05
N LEU D 51 9.85 6.82 17.92
CA LEU D 51 11.00 7.58 17.46
C LEU D 51 12.11 6.63 17.03
N SER D 52 12.77 6.94 15.92
CA SER D 52 13.83 6.08 15.40
C SER D 52 15.25 6.59 15.70
N SER D 53 15.33 7.58 16.57
CA SER D 53 16.62 8.18 16.88
C SER D 53 17.34 7.44 18.00
N PHE D 54 17.50 6.13 17.80
CA PHE D 54 18.13 5.22 18.78
C PHE D 54 19.16 4.37 18.08
N MET D 55 20.38 4.41 18.58
CA MET D 55 21.42 3.50 18.10
C MET D 55 21.83 2.55 19.21
N LEU D 56 22.00 1.27 18.87
CA LEU D 56 22.45 0.30 19.84
C LEU D 56 23.99 0.32 19.90
N ALA D 57 24.57 0.44 21.11
CA ALA D 57 26.02 0.31 21.21
C ALA D 57 26.46 -1.03 20.64
N THR D 58 27.57 -1.02 19.88
CA THR D 58 28.11 -2.23 19.25
C THR D 58 28.17 -3.43 20.18
N GLN D 59 28.51 -3.20 21.46
CA GLN D 59 28.65 -4.31 22.44
C GLN D 59 27.34 -5.04 22.74
N LEU D 60 26.22 -4.41 22.40
CA LEU D 60 24.92 -5.02 22.62
C LEU D 60 24.41 -5.74 21.36
N ASN D 61 25.21 -5.74 20.28
CA ASN D 61 24.79 -6.43 19.04
C ASN D 61 24.37 -7.88 19.24
N PRO D 62 25.04 -8.64 20.14
CA PRO D 62 24.55 -10.01 20.37
C PRO D 62 23.08 -10.11 20.78
N LEU D 63 22.55 -9.12 21.49
CA LEU D 63 21.14 -9.17 21.84
C LEU D 63 20.27 -9.18 20.57
N VAL D 64 20.67 -8.43 19.56
CA VAL D 64 19.87 -8.40 18.31
C VAL D 64 20.07 -9.70 17.52
N GLU D 65 21.32 -10.12 17.44
CA GLU D 65 21.70 -11.23 16.58
C GLU D 65 21.21 -12.58 17.11
N GLU D 66 21.06 -12.69 18.44
CA GLU D 66 20.47 -13.89 19.04
C GLU D 66 18.95 -13.75 19.30
N GLU D 67 18.36 -12.65 18.82
CA GLU D 67 16.91 -12.43 18.78
C GLU D 67 16.26 -12.05 20.12
N GLN D 68 17.07 -11.76 21.13
CA GLN D 68 16.53 -11.31 22.41
C GLN D 68 15.88 -9.96 22.23
N LEU D 69 16.57 -9.08 21.50
CA LEU D 69 16.02 -7.77 21.15
C LEU D 69 15.44 -7.91 19.74
N SER D 70 14.12 -7.88 19.62
CA SER D 70 13.49 -7.92 18.31
C SER D 70 12.12 -7.24 18.36
N SER D 71 11.51 -7.02 17.20
CA SER D 71 10.26 -6.28 17.10
C SER D 71 9.21 -6.79 18.07
N ASN D 72 8.67 -5.84 18.83
CA ASN D 72 7.62 -6.08 19.82
C ASN D 72 8.09 -6.45 21.22
N CYS D 73 9.38 -6.75 21.38
CA CYS D 73 9.84 -7.03 22.73
C CYS D 73 9.76 -5.76 23.58
N VAL D 74 9.69 -5.94 24.90
CA VAL D 74 9.67 -4.83 25.83
C VAL D 74 10.95 -4.91 26.64
N CYS D 75 11.63 -3.77 26.77
CA CYS D 75 12.91 -3.74 27.45
C CYS D 75 12.99 -2.55 28.40
N GLN D 76 13.90 -2.62 29.36
CA GLN D 76 14.20 -1.45 30.19
C GLN D 76 15.58 -0.92 29.86
N ILE D 77 15.66 0.37 29.59
CA ILE D 77 16.97 1.00 29.32
C ILE D 77 17.61 1.37 30.66
N HIS D 78 18.76 0.76 30.97
CA HIS D 78 19.43 1.03 32.24
C HIS D 78 20.50 2.07 32.12
N ARG D 79 21.13 2.16 30.95
CA ARG D 79 22.16 3.17 30.68
C ARG D 79 22.02 3.67 29.26
N PHE D 80 21.96 4.99 29.10
CA PHE D 80 22.02 5.59 27.77
C PHE D 80 22.71 6.95 27.80
N ILE D 81 23.16 7.40 26.62
CA ILE D 81 23.66 8.77 26.47
C ILE D 81 22.92 9.44 25.33
N VAL D 82 22.85 10.76 25.38
CA VAL D 82 22.22 11.53 24.32
C VAL D 82 23.29 12.38 23.63
N ASN D 83 23.37 12.24 22.32
CA ASN D 83 24.23 13.09 21.51
C ASN D 83 23.40 14.03 20.65
N THR D 84 23.97 15.17 20.27
CA THR D 84 23.33 16.09 19.34
C THR D 84 24.14 16.21 18.05
N LEU D 85 23.49 15.91 16.93
CA LEU D 85 24.13 15.97 15.62
C LEU D 85 24.31 17.43 15.15
N LYS D 86 24.95 17.60 13.99
CA LYS D 86 25.18 18.92 13.39
C LYS D 86 23.88 19.71 13.13
N ASP D 87 22.84 19.02 12.66
CA ASP D 87 21.55 19.66 12.36
C ASP D 87 20.68 19.90 13.61
N GLY D 88 21.22 19.56 14.79
CA GLY D 88 20.49 19.75 16.05
C GLY D 88 19.64 18.56 16.50
N ARG D 89 19.55 17.52 15.66
CA ARG D 89 18.77 16.33 16.04
C ARG D 89 19.46 15.57 17.17
N ARG D 90 18.68 15.14 18.15
CA ARG D 90 19.21 14.42 19.30
C ARG D 90 19.05 12.93 19.06
N VAL D 91 20.12 12.18 19.34
CA VAL D 91 20.12 10.72 19.16
C VAL D 91 20.50 10.06 20.46
N VAL D 92 19.73 9.04 20.85
CA VAL D 92 20.01 8.26 22.06
C VAL D 92 20.87 7.05 21.72
N ILE D 93 22.01 6.87 22.41
CA ILE D 93 22.82 5.65 22.29
C ILE D 93 22.49 4.73 23.47
N LEU D 94 21.92 3.56 23.18
CA LEU D 94 21.52 2.59 24.18
C LEU D 94 22.76 1.80 24.63
N MET D 95 23.14 1.94 25.91
CA MET D 95 24.41 1.37 26.40
C MET D 95 24.25 0.12 27.26
N GLU D 96 23.12 0.02 27.98
CA GLU D 96 22.80 -1.14 28.79
C GLU D 96 21.29 -1.25 28.82
N LEU D 97 20.78 -2.45 28.55
CA LEU D 97 19.36 -2.70 28.61
C LEU D 97 19.10 -4.13 29.06
N GLU D 98 17.88 -4.36 29.50
CA GLU D 98 17.40 -5.67 29.89
C GLU D 98 16.08 -5.93 29.12
N VAL D 99 16.02 -7.04 28.41
CA VAL D 99 14.76 -7.39 27.77
C VAL D 99 13.87 -7.99 28.84
N LEU D 100 12.73 -7.36 29.10
CA LEU D 100 11.79 -7.79 30.14
C LEU D 100 10.82 -8.85 29.67
N LYS D 101 10.36 -8.72 28.43
CA LYS D 101 9.40 -9.64 27.85
C LYS D 101 9.75 -9.81 26.38
N SER D 102 9.80 -11.05 25.93
CA SER D 102 10.23 -11.35 24.56
C SER D 102 9.18 -10.88 23.57
N ALA D 103 9.59 -10.70 22.32
CA ALA D 103 8.66 -10.42 21.23
C ALA D 103 7.52 -11.42 21.22
N GLU D 104 7.86 -12.69 21.38
CA GLU D 104 6.85 -13.76 21.32
C GLU D 104 5.80 -13.63 22.45
N ALA D 105 6.25 -13.26 23.64
CA ALA D 105 5.39 -13.13 24.82
C ALA D 105 4.49 -11.89 24.78
N VAL D 106 4.97 -10.83 24.14
CA VAL D 106 4.18 -9.60 24.01
C VAL D 106 3.20 -9.74 22.85
N GLY D 107 3.72 -10.21 21.72
CA GLY D 107 2.91 -10.58 20.54
C GLY D 107 2.37 -9.48 19.65
N VAL D 108 2.43 -8.23 20.12
CA VAL D 108 1.70 -7.15 19.47
C VAL D 108 2.32 -5.80 19.81
N LYS D 109 2.17 -4.83 18.91
CA LYS D 109 2.47 -3.44 19.23
C LYS D 109 1.49 -2.94 20.32
N ILE D 110 2.04 -2.35 21.37
CA ILE D 110 1.23 -1.89 22.49
C ILE D 110 0.73 -0.49 22.22
N GLY D 111 -0.59 -0.33 22.28
CA GLY D 111 -1.19 1.00 22.21
C GLY D 111 -1.27 1.55 20.81
N ASN D 112 -1.52 2.85 20.73
CA ASN D 112 -1.49 3.57 19.45
C ASN D 112 -0.55 4.76 19.51
N PRO D 113 0.77 4.50 19.57
CA PRO D 113 1.71 5.61 19.65
C PRO D 113 1.79 6.36 18.32
N VAL D 114 2.14 7.64 18.42
CA VAL D 114 2.31 8.51 17.24
C VAL D 114 3.76 9.03 17.21
N PRO D 115 4.27 9.43 16.04
CA PRO D 115 5.66 9.90 15.98
C PRO D 115 5.92 11.10 16.90
N TYR D 116 7.05 11.07 17.60
CA TYR D 116 7.48 12.24 18.36
C TYR D 116 7.69 13.37 17.38
N ASN D 117 7.06 14.53 17.64
CA ASN D 117 6.83 15.57 16.61
C ASN D 117 7.43 16.93 16.96
N ASN E 1 31.51 12.65 11.33
CA ASN E 1 30.73 11.44 10.94
C ASN E 1 30.40 10.51 12.12
N GLU E 2 30.75 9.23 12.01
CA GLU E 2 30.44 8.18 13.00
C GLU E 2 28.94 7.98 13.23
N LEU E 3 28.35 8.86 14.04
CA LEU E 3 26.94 8.82 14.37
C LEU E 3 26.09 9.54 13.32
N GLU E 4 26.74 10.46 12.60
CA GLU E 4 26.10 11.20 11.51
C GLU E 4 25.73 10.28 10.35
N LEU E 5 26.55 9.27 10.09
CA LEU E 5 26.29 8.29 9.02
C LEU E 5 25.11 7.37 9.34
N LEU E 6 24.99 6.98 10.60
CA LEU E 6 23.93 6.10 11.03
C LEU E 6 22.56 6.80 10.95
N MET E 7 22.58 8.13 11.08
CA MET E 7 21.36 8.93 11.07
C MET E 7 21.18 9.71 9.77
N GLU E 8 22.10 9.51 8.83
CA GLU E 8 22.12 10.25 7.55
C GLU E 8 20.86 10.03 6.71
N LYS E 9 20.42 8.77 6.65
CA LYS E 9 19.23 8.41 5.90
C LYS E 9 18.05 8.19 6.82
N SER E 10 16.86 8.10 6.23
CA SER E 10 15.66 7.76 6.96
C SER E 10 15.78 6.33 7.49
N PHE E 11 14.96 6.02 8.50
CA PHE E 11 14.99 4.72 9.13
C PHE E 11 14.76 3.59 8.13
N TRP E 12 13.76 3.75 7.26
CA TRP E 12 13.40 2.73 6.27
C TRP E 12 13.90 3.08 4.88
N GLU F 2 7.73 -20.64 -27.38
CA GLU F 2 7.82 -19.14 -27.42
C GLU F 2 6.76 -18.47 -26.55
N LEU F 3 5.49 -18.76 -26.81
CA LEU F 3 4.38 -18.18 -26.05
C LEU F 3 4.24 -18.75 -24.64
N GLU F 4 4.56 -20.03 -24.49
CA GLU F 4 4.51 -20.71 -23.20
C GLU F 4 5.42 -20.04 -22.18
N LEU F 5 6.63 -19.68 -22.61
CA LEU F 5 7.62 -19.02 -21.76
C LEU F 5 7.23 -17.56 -21.45
N LEU F 6 6.66 -16.87 -22.44
CA LEU F 6 6.26 -15.46 -22.28
C LEU F 6 5.00 -15.29 -21.40
N MET F 7 4.37 -16.40 -21.03
CA MET F 7 3.15 -16.37 -20.25
C MET F 7 3.20 -17.22 -18.97
N GLU F 8 4.37 -17.75 -18.65
CA GLU F 8 4.55 -18.55 -17.44
C GLU F 8 4.58 -17.68 -16.18
N LYS F 9 4.96 -16.42 -16.36
CA LYS F 9 4.98 -15.44 -15.28
C LYS F 9 3.67 -14.65 -15.20
N SER F 10 3.42 -14.10 -14.03
CA SER F 10 2.37 -13.10 -13.82
C SER F 10 2.67 -11.82 -14.63
N PHE F 11 1.63 -11.08 -15.00
CA PHE F 11 1.81 -9.83 -15.75
C PHE F 11 2.74 -8.89 -14.98
N TRP F 12 2.52 -8.82 -13.68
CA TRP F 12 3.24 -7.91 -12.78
C TRP F 12 4.04 -8.75 -11.77
N GLU F 13 5.28 -9.06 -12.16
CA GLU F 13 6.24 -9.84 -11.37
C GLU F 13 5.63 -10.91 -10.46
N GLU G 2 -17.81 12.47 9.31
CA GLU G 2 -16.71 12.54 10.32
C GLU G 2 -15.61 13.54 9.90
N LEU G 3 -15.51 13.83 8.61
CA LEU G 3 -14.66 14.91 8.11
C LEU G 3 -15.11 16.28 8.63
N GLU G 4 -16.44 16.49 8.70
CA GLU G 4 -17.00 17.74 9.22
C GLU G 4 -16.50 17.99 10.64
N LEU G 5 -16.62 16.97 11.49
CA LEU G 5 -16.17 17.03 12.90
C LEU G 5 -14.67 17.41 12.99
N LEU G 6 -13.84 16.68 12.25
CA LEU G 6 -12.40 16.93 12.19
C LEU G 6 -12.07 18.35 11.71
N MET G 7 -12.76 18.79 10.66
CA MET G 7 -12.47 20.11 10.10
C MET G 7 -12.99 21.30 10.89
N GLU G 8 -13.75 21.03 11.97
CA GLU G 8 -14.18 22.07 12.89
C GLU G 8 -13.01 22.66 13.67
N LYS G 9 -11.87 21.96 13.69
CA LYS G 9 -10.69 22.46 14.38
C LYS G 9 -9.59 22.90 13.41
N SER G 10 -8.82 23.89 13.85
CA SER G 10 -7.63 24.36 13.14
C SER G 10 -6.57 23.25 13.16
N PHE G 11 -5.62 23.31 12.23
CA PHE G 11 -4.58 22.30 12.12
C PHE G 11 -3.80 22.10 13.42
N TRP G 12 -3.45 23.21 14.08
CA TRP G 12 -2.59 23.17 15.27
C TRP G 12 -3.40 23.10 16.57
N GLU G 13 -4.70 23.31 16.50
CA GLU G 13 -5.45 23.55 17.73
C GLU G 13 -6.45 22.43 18.02
N GLU H 2 -21.23 0.84 5.35
CA GLU H 2 -20.69 0.30 4.06
C GLU H 2 -20.58 -1.23 4.08
N LEU H 3 -19.90 -1.76 5.10
CA LEU H 3 -19.72 -3.21 5.22
C LEU H 3 -21.01 -4.01 5.38
N GLU H 4 -21.97 -3.47 6.12
CA GLU H 4 -23.25 -4.18 6.30
C GLU H 4 -23.90 -4.35 4.95
N LEU H 5 -23.84 -3.30 4.13
CA LEU H 5 -24.48 -3.33 2.81
C LEU H 5 -23.77 -4.31 1.86
N LEU H 6 -22.44 -4.33 1.91
CA LEU H 6 -21.66 -5.26 1.10
C LEU H 6 -21.94 -6.71 1.49
N MET H 7 -22.05 -6.96 2.79
CA MET H 7 -22.21 -8.31 3.30
C MET H 7 -23.65 -8.82 3.30
N GLU H 8 -24.58 -7.95 2.95
CA GLU H 8 -25.99 -8.31 2.81
C GLU H 8 -26.21 -9.28 1.64
N LYS H 9 -25.30 -9.24 0.68
CA LYS H 9 -25.39 -10.13 -0.45
C LYS H 9 -24.46 -11.33 -0.28
N SER H 10 -24.85 -12.45 -0.90
CA SER H 10 -24.04 -13.64 -0.99
C SER H 10 -22.81 -13.38 -1.86
N PHE H 11 -21.73 -14.14 -1.63
CA PHE H 11 -20.49 -14.00 -2.42
C PHE H 11 -20.71 -14.10 -3.93
N TRP H 12 -21.52 -15.06 -4.36
CA TRP H 12 -21.79 -15.27 -5.79
C TRP H 12 -23.02 -14.52 -6.28
N GLU H 13 -23.67 -13.79 -5.38
CA GLU H 13 -24.89 -13.01 -5.65
C GLU H 13 -26.01 -13.88 -6.21
#